data_2XNJ
#
_entry.id   2XNJ
#
_cell.length_a   186.883
_cell.length_b   74.580
_cell.length_c   44.421
_cell.angle_alpha   90.00
_cell.angle_beta   101.86
_cell.angle_gamma   90.00
#
_symmetry.space_group_name_H-M   'C 1 2 1'
#
loop_
_entity.id
_entity.type
_entity.pdbx_description
1 polymer 'FERREDOXIN NADP-H REDUCTASE'
2 non-polymer 'FLAVIN-ADENINE DINUCLEOTIDE'
3 non-polymer 'NADP NICOTINAMIDE-ADENINE-DINUCLEOTIDE PHOSPHATE'
4 non-polymer 2-AMINO-2-HYDROXYMETHYL-PROPANE-1,3-DIOL
5 non-polymer GLYCEROL
6 non-polymer 'ZINC ION'
7 non-polymer 'SODIUM ION'
8 water water
#
_entity_poly.entity_id   1
_entity_poly.type   'polypeptide(L)'
_entity_poly.pdbx_seq_one_letter_code
;GSMAAAGRRILADWVTGKVTKVQNWTDALFSLTVHAPVLPFTAGQFTKLGLEIDGERVQRAYSYVNSPDNPDLEFYLVTV
VYTNDAGEVVKGKLSPRLAALKPGDEVQVVSEAAGFFVLDEVPHCETLWMLATGTAIGPYLSILRLGKDLDRFKNLVLVH
AARYAADLSYLPLMQELEKRYEGKLRIQTVVSRETAAGSLTGRIPALIESGELESTIGLPMNKETSHVMLCGNPQMVRDT
QQLLKETRQMTKHLRRRPGHMTAEHY
;
_entity_poly.pdbx_strand_id   A,B
#
# COMPACT_ATOMS: atom_id res chain seq x y z
N ALA A 12 -8.36 -24.21 6.19
CA ALA A 12 -7.58 -22.96 6.10
C ALA A 12 -6.69 -22.88 4.85
N ASP A 13 -6.97 -21.88 4.01
CA ASP A 13 -6.30 -21.55 2.76
C ASP A 13 -5.41 -20.32 2.98
N TRP A 14 -4.11 -20.44 2.69
CA TRP A 14 -3.15 -19.35 2.85
C TRP A 14 -3.06 -18.55 1.57
N VAL A 15 -3.13 -17.22 1.69
CA VAL A 15 -2.97 -16.31 0.56
C VAL A 15 -1.79 -15.39 0.86
N THR A 16 -1.20 -14.82 -0.20
CA THR A 16 -0.09 -13.90 -0.06
C THR A 16 -0.67 -12.50 0.14
N GLY A 17 -0.18 -11.86 1.19
CA GLY A 17 -0.56 -10.52 1.56
C GLY A 17 0.61 -9.58 1.38
N LYS A 18 0.33 -8.29 1.25
CA LYS A 18 1.35 -7.27 1.04
C LYS A 18 1.19 -6.20 2.12
N VAL A 19 2.25 -5.93 2.89
CA VAL A 19 2.23 -4.87 3.90
C VAL A 19 2.25 -3.51 3.18
N THR A 20 1.26 -2.66 3.45
CA THR A 20 1.17 -1.35 2.78
C THR A 20 1.53 -0.20 3.73
N LYS A 21 1.45 -0.46 5.04
CA LYS A 21 1.73 0.54 6.06
C LYS A 21 2.10 -0.15 7.37
N VAL A 22 3.03 0.45 8.11
CA VAL A 22 3.47 0.02 9.43
C VAL A 22 3.41 1.31 10.28
N GLN A 23 2.62 1.28 11.34
CA GLN A 23 2.47 2.40 12.26
C GLN A 23 3.07 1.96 13.59
N ASN A 24 4.19 2.57 14.01
CA ASN A 24 4.85 2.22 15.26
C ASN A 24 4.36 3.17 16.33
N TRP A 25 3.32 2.75 17.06
CA TRP A 25 2.73 3.54 18.16
C TRP A 25 3.72 3.78 19.27
N THR A 26 4.39 2.72 19.70
CA THR A 26 5.47 2.79 20.68
C THR A 26 6.63 1.92 20.15
N ASP A 27 7.61 1.63 21.01
CA ASP A 27 8.72 0.72 20.70
C ASP A 27 8.21 -0.73 20.57
N ALA A 28 7.11 -1.07 21.26
CA ALA A 28 6.62 -2.42 21.31
C ALA A 28 5.28 -2.63 20.59
N LEU A 29 4.47 -1.57 20.49
CA LEU A 29 3.14 -1.60 19.87
C LEU A 29 3.20 -1.04 18.45
N PHE A 30 2.58 -1.77 17.51
CA PHE A 30 2.55 -1.43 16.09
C PHE A 30 1.29 -1.99 15.42
N SER A 31 0.81 -1.29 14.37
CA SER A 31 -0.30 -1.79 13.55
C SER A 31 0.20 -1.95 12.12
N LEU A 32 -0.20 -3.06 11.49
CA LEU A 32 0.16 -3.34 10.10
C LEU A 32 -1.11 -3.16 9.27
N THR A 33 -0.98 -2.58 8.09
CA THR A 33 -2.08 -2.48 7.13
C THR A 33 -1.65 -3.43 6.02
N VAL A 34 -2.55 -4.33 5.60
CA VAL A 34 -2.21 -5.37 4.64
C VAL A 34 -3.22 -5.45 3.51
N HIS A 35 -2.72 -5.74 2.30
CA HIS A 35 -3.57 -6.03 1.16
C HIS A 35 -3.45 -7.53 0.97
N ALA A 36 -4.56 -8.26 1.09
CA ALA A 36 -4.59 -9.71 0.88
C ALA A 36 -5.98 -10.11 0.38
N PRO A 37 -6.07 -11.08 -0.56
CA PRO A 37 -7.40 -11.47 -1.08
C PRO A 37 -8.14 -12.39 -0.11
N VAL A 38 -8.43 -11.86 1.09
CA VAL A 38 -9.14 -12.60 2.12
C VAL A 38 -10.64 -12.59 1.78
N LEU A 39 -11.41 -13.45 2.43
CA LEU A 39 -12.83 -13.53 2.21
C LEU A 39 -13.53 -12.57 3.16
N PRO A 40 -14.77 -12.14 2.85
CA PRO A 40 -15.50 -11.26 3.80
C PRO A 40 -15.59 -11.91 5.17
N PHE A 41 -15.53 -11.07 6.20
CA PHE A 41 -15.56 -11.56 7.58
C PHE A 41 -16.55 -10.80 8.42
N THR A 42 -16.87 -11.36 9.59
CA THR A 42 -17.78 -10.73 10.55
C THR A 42 -16.92 -9.92 11.51
N ALA A 43 -17.29 -8.66 11.79
CA ALA A 43 -16.53 -7.76 12.70
C ALA A 43 -16.43 -8.45 14.06
N GLY A 44 -15.20 -8.51 14.60
CA GLY A 44 -14.86 -9.18 15.85
C GLY A 44 -14.06 -10.45 15.61
N GLN A 45 -14.02 -10.95 14.37
CA GLN A 45 -13.31 -12.17 14.02
C GLN A 45 -11.81 -11.94 13.84
N PHE A 46 -11.05 -13.05 13.78
CA PHE A 46 -9.61 -13.00 13.60
C PHE A 46 -9.21 -13.86 12.40
N THR A 47 -7.99 -13.72 11.98
CA THR A 47 -7.43 -14.63 10.97
C THR A 47 -6.05 -15.03 11.49
N LYS A 48 -5.24 -15.63 10.64
CA LYS A 48 -3.88 -16.00 11.00
CA LYS A 48 -3.88 -16.00 11.00
C LYS A 48 -2.89 -15.33 10.09
N LEU A 49 -1.78 -14.85 10.67
CA LEU A 49 -0.69 -14.28 9.93
C LEU A 49 0.45 -15.32 10.02
N GLY A 50 1.19 -15.44 8.93
CA GLY A 50 2.29 -16.37 8.86
C GLY A 50 3.51 -15.85 8.14
N LEU A 51 4.68 -16.28 8.63
CA LEU A 51 5.96 -15.98 8.02
C LEU A 51 6.82 -17.22 8.07
N GLU A 52 7.67 -17.38 7.07
CA GLU A 52 8.61 -18.50 7.02
CA GLU A 52 8.61 -18.50 7.03
C GLU A 52 9.78 -18.14 7.96
N ILE A 53 10.02 -18.97 8.98
CA ILE A 53 11.09 -18.77 9.96
C ILE A 53 11.84 -20.11 10.02
N ASP A 54 13.14 -20.08 9.66
CA ASP A 54 14.01 -21.25 9.60
C ASP A 54 13.42 -22.39 8.74
N GLY A 55 12.92 -22.02 7.57
CA GLY A 55 12.32 -22.93 6.60
C GLY A 55 10.93 -23.46 6.89
N GLU A 56 10.32 -23.04 8.02
CA GLU A 56 8.98 -23.49 8.41
C GLU A 56 8.02 -22.31 8.56
N ARG A 57 6.76 -22.48 8.14
CA ARG A 57 5.77 -21.42 8.32
C ARG A 57 5.38 -21.41 9.81
N VAL A 58 5.48 -20.24 10.44
CA VAL A 58 5.09 -20.00 11.84
C VAL A 58 3.84 -19.15 11.75
N GLN A 59 2.76 -19.60 12.39
CA GLN A 59 1.47 -18.91 12.29
C GLN A 59 0.89 -18.61 13.66
N ARG A 60 0.26 -17.45 13.79
CA ARG A 60 -0.42 -17.05 15.02
C ARG A 60 -1.71 -16.32 14.65
N ALA A 61 -2.67 -16.24 15.58
CA ALA A 61 -3.95 -15.56 15.34
C ALA A 61 -3.83 -14.07 15.62
N TYR A 62 -4.45 -13.24 14.75
CA TYR A 62 -4.52 -11.78 14.89
C TYR A 62 -5.88 -11.30 14.50
N SER A 63 -6.50 -10.47 15.35
CA SER A 63 -7.82 -9.93 15.08
C SER A 63 -7.78 -8.82 14.04
N TYR A 64 -8.83 -8.75 13.25
CA TYR A 64 -9.00 -7.65 12.30
C TYR A 64 -9.46 -6.45 13.10
N VAL A 65 -8.82 -5.30 12.85
CA VAL A 65 -9.12 -4.03 13.52
C VAL A 65 -9.92 -3.16 12.58
N ASN A 66 -9.82 -3.44 11.25
CA ASN A 66 -10.53 -2.73 10.23
C ASN A 66 -11.99 -3.17 10.18
N SER A 67 -12.88 -2.28 9.76
CA SER A 67 -14.28 -2.62 9.51
C SER A 67 -14.26 -3.68 8.37
N PRO A 68 -15.16 -4.69 8.38
CA PRO A 68 -15.16 -5.67 7.28
C PRO A 68 -15.41 -5.06 5.89
N ASP A 69 -15.99 -3.85 5.84
CA ASP A 69 -16.29 -3.16 4.58
C ASP A 69 -15.07 -2.43 3.99
N ASN A 70 -13.99 -2.35 4.77
CA ASN A 70 -12.75 -1.71 4.35
C ASN A 70 -11.78 -2.80 3.90
N PRO A 71 -11.32 -2.80 2.62
CA PRO A 71 -10.37 -3.84 2.18
C PRO A 71 -8.95 -3.68 2.72
N ASP A 72 -8.63 -2.54 3.37
CA ASP A 72 -7.32 -2.34 3.99
C ASP A 72 -7.35 -3.06 5.35
N LEU A 73 -6.78 -4.27 5.40
CA LEU A 73 -6.77 -5.12 6.60
C LEU A 73 -5.83 -4.50 7.61
N GLU A 74 -6.29 -4.36 8.85
CA GLU A 74 -5.47 -3.72 9.87
C GLU A 74 -5.29 -4.69 11.05
N PHE A 75 -4.08 -4.79 11.56
CA PHE A 75 -3.77 -5.68 12.68
C PHE A 75 -3.03 -4.90 13.72
N TYR A 76 -3.45 -5.00 14.98
CA TYR A 76 -2.82 -4.27 16.09
C TYR A 76 -2.09 -5.28 16.96
N LEU A 77 -0.77 -5.13 17.02
CA LEU A 77 0.11 -6.09 17.67
C LEU A 77 1.07 -5.51 18.65
N VAL A 78 1.63 -6.42 19.43
CA VAL A 78 2.70 -6.15 20.39
C VAL A 78 3.82 -7.17 20.21
N THR A 79 5.10 -6.74 20.32
CA THR A 79 6.21 -7.68 20.29
C THR A 79 6.22 -8.31 21.67
N VAL A 80 6.02 -9.62 21.70
CA VAL A 80 5.95 -10.38 22.93
C VAL A 80 7.32 -10.66 23.53
N VAL A 81 7.43 -10.48 24.86
CA VAL A 81 8.63 -10.73 25.65
C VAL A 81 8.19 -11.54 26.86
N TYR A 82 8.89 -12.64 27.14
CA TYR A 82 8.57 -13.47 28.29
C TYR A 82 9.83 -14.11 28.87
N THR A 83 9.70 -14.66 30.07
CA THR A 83 10.76 -15.39 30.75
C THR A 83 10.42 -16.85 30.54
N ASN A 84 11.27 -17.57 29.78
CA ASN A 84 11.05 -18.99 29.51
C ASN A 84 11.29 -19.87 30.76
N ASP A 85 11.12 -21.21 30.63
CA ASP A 85 11.33 -22.15 31.75
C ASP A 85 12.76 -22.18 32.28
N ALA A 86 13.74 -21.81 31.44
CA ALA A 86 15.16 -21.78 31.82
C ALA A 86 15.60 -20.49 32.56
N GLY A 87 14.68 -19.54 32.71
CA GLY A 87 14.93 -18.24 33.35
C GLY A 87 15.47 -17.19 32.39
N GLU A 88 15.46 -17.49 31.08
CA GLU A 88 15.95 -16.60 30.03
C GLU A 88 14.85 -15.64 29.61
N VAL A 89 15.18 -14.35 29.45
CA VAL A 89 14.22 -13.36 28.96
C VAL A 89 14.33 -13.38 27.45
N VAL A 90 13.25 -13.74 26.76
CA VAL A 90 13.28 -13.93 25.31
C VAL A 90 12.10 -13.28 24.60
N LYS A 91 12.24 -13.05 23.30
CA LYS A 91 11.14 -12.55 22.48
C LYS A 91 10.32 -13.75 21.99
N GLY A 92 9.06 -13.52 21.68
CA GLY A 92 8.20 -14.52 21.08
C GLY A 92 8.72 -14.83 19.68
N LYS A 93 8.26 -15.94 19.10
CA LYS A 93 8.72 -16.40 17.79
C LYS A 93 8.24 -15.52 16.63
N LEU A 94 6.91 -15.31 16.49
CA LEU A 94 6.41 -14.59 15.32
C LEU A 94 6.31 -13.08 15.48
N SER A 95 5.85 -12.56 16.65
CA SER A 95 5.65 -11.10 16.77
C SER A 95 6.80 -10.18 16.40
N PRO A 96 8.07 -10.45 16.79
CA PRO A 96 9.16 -9.53 16.40
C PRO A 96 9.43 -9.58 14.90
N ARG A 97 9.14 -10.72 14.25
CA ARG A 97 9.33 -10.88 12.80
C ARG A 97 8.26 -10.09 12.07
N LEU A 98 7.04 -10.05 12.64
CA LEU A 98 5.97 -9.21 12.08
C LEU A 98 6.32 -7.73 12.27
N ALA A 99 6.94 -7.37 13.43
CA ALA A 99 7.37 -6.00 13.74
C ALA A 99 8.47 -5.47 12.80
N ALA A 100 9.23 -6.38 12.19
CA ALA A 100 10.34 -6.06 11.28
C ALA A 100 9.87 -5.92 9.82
N LEU A 101 8.59 -6.20 9.53
CA LEU A 101 8.09 -6.04 8.17
C LEU A 101 8.02 -4.57 7.81
N LYS A 102 8.25 -4.29 6.52
CA LYS A 102 8.23 -2.95 6.00
C LYS A 102 7.21 -2.89 4.86
N PRO A 103 6.67 -1.70 4.46
CA PRO A 103 5.78 -1.67 3.30
C PRO A 103 6.43 -2.33 2.08
N GLY A 104 5.65 -3.14 1.39
CA GLY A 104 6.12 -3.89 0.23
C GLY A 104 6.45 -5.33 0.59
N ASP A 105 6.71 -5.62 1.89
CA ASP A 105 7.05 -6.98 2.33
C ASP A 105 5.84 -7.89 2.27
N GLU A 106 6.07 -9.18 1.98
CA GLU A 106 5.01 -10.18 1.95
C GLU A 106 4.74 -10.76 3.34
N VAL A 107 3.48 -11.09 3.59
CA VAL A 107 3.01 -11.75 4.81
C VAL A 107 1.94 -12.76 4.38
N GLN A 108 1.94 -13.95 4.99
CA GLN A 108 0.93 -14.96 4.65
C GLN A 108 -0.30 -14.74 5.50
N VAL A 109 -1.48 -14.79 4.90
CA VAL A 109 -2.74 -14.55 5.59
C VAL A 109 -3.72 -15.70 5.28
N VAL A 110 -4.46 -16.18 6.29
CA VAL A 110 -5.50 -17.21 6.08
C VAL A 110 -6.71 -16.47 5.50
N SER A 111 -7.23 -16.93 4.34
CA SER A 111 -8.33 -16.30 3.62
C SER A 111 -9.65 -16.27 4.38
N GLU A 112 -9.93 -17.33 5.17
CA GLU A 112 -11.18 -17.42 5.92
C GLU A 112 -10.99 -17.12 7.38
N ALA A 113 -11.76 -16.16 7.89
CA ALA A 113 -11.73 -15.75 9.29
C ALA A 113 -12.38 -16.79 10.18
N ALA A 114 -12.02 -16.75 11.47
CA ALA A 114 -12.54 -17.65 12.47
C ALA A 114 -12.92 -16.86 13.69
N GLY A 115 -13.66 -17.48 14.60
CA GLY A 115 -14.06 -16.80 15.83
C GLY A 115 -15.53 -16.52 15.99
N PHE A 116 -15.95 -16.43 17.24
CA PHE A 116 -17.34 -16.23 17.65
C PHE A 116 -17.46 -14.99 18.53
N PHE A 117 -16.42 -14.14 18.58
CA PHE A 117 -16.42 -12.92 19.38
C PHE A 117 -17.12 -11.83 18.54
N VAL A 118 -18.42 -12.06 18.25
CA VAL A 118 -19.17 -11.22 17.32
C VAL A 118 -20.53 -10.81 17.89
N LEU A 119 -21.14 -9.74 17.34
CA LEU A 119 -22.45 -9.28 17.79
C LEU A 119 -23.58 -10.30 17.66
N ASP A 120 -23.57 -11.14 16.61
CA ASP A 120 -24.60 -12.17 16.43
C ASP A 120 -24.67 -13.17 17.60
N GLU A 121 -23.61 -13.24 18.42
CA GLU A 121 -23.48 -14.11 19.58
C GLU A 121 -23.91 -13.38 20.85
N VAL A 122 -24.20 -12.07 20.73
CA VAL A 122 -24.59 -11.23 21.85
C VAL A 122 -26.11 -11.12 21.92
N PRO A 123 -26.73 -11.48 23.06
CA PRO A 123 -28.19 -11.34 23.17
C PRO A 123 -28.62 -9.88 23.40
N HIS A 124 -29.93 -9.60 23.28
CA HIS A 124 -30.47 -8.26 23.54
C HIS A 124 -30.15 -7.84 25.00
N CYS A 125 -29.75 -6.57 25.19
CA CYS A 125 -29.44 -6.00 26.52
C CYS A 125 -29.56 -4.49 26.43
N GLU A 126 -29.60 -3.80 27.59
CA GLU A 126 -29.62 -2.33 27.60
C GLU A 126 -28.20 -1.80 27.35
N THR A 127 -27.23 -2.38 28.06
CA THR A 127 -25.84 -1.91 27.92
C THR A 127 -24.90 -3.02 27.53
N LEU A 128 -24.16 -2.81 26.42
CA LEU A 128 -23.13 -3.73 26.01
C LEU A 128 -21.79 -3.15 26.48
N TRP A 129 -21.12 -3.86 27.40
CA TRP A 129 -19.81 -3.47 27.90
C TRP A 129 -18.77 -4.19 27.03
N MET A 130 -17.82 -3.43 26.50
CA MET A 130 -16.73 -3.95 25.67
C MET A 130 -15.44 -3.66 26.40
N LEU A 131 -14.91 -4.66 27.12
CA LEU A 131 -13.72 -4.53 27.93
C LEU A 131 -12.53 -5.17 27.25
N ALA A 132 -11.42 -4.42 27.14
CA ALA A 132 -10.20 -4.90 26.50
C ALA A 132 -8.94 -4.50 27.23
N THR A 133 -7.91 -5.35 27.13
CA THR A 133 -6.56 -5.01 27.61
C THR A 133 -5.66 -4.96 26.38
N GLY A 134 -4.61 -4.15 26.46
CA GLY A 134 -3.61 -4.04 25.41
C GLY A 134 -4.11 -4.06 23.98
N THR A 135 -3.59 -5.00 23.19
CA THR A 135 -3.89 -5.10 21.75
C THR A 135 -5.27 -5.64 21.47
N ALA A 136 -5.95 -6.17 22.51
CA ALA A 136 -7.30 -6.74 22.40
C ALA A 136 -8.45 -5.75 22.23
N ILE A 137 -8.16 -4.46 22.08
CA ILE A 137 -9.21 -3.48 21.73
C ILE A 137 -9.67 -3.71 20.27
N GLY A 138 -8.79 -4.32 19.45
CA GLY A 138 -9.02 -4.56 18.02
C GLY A 138 -10.40 -5.00 17.59
N PRO A 139 -10.94 -6.15 18.09
CA PRO A 139 -12.29 -6.60 17.66
C PRO A 139 -13.40 -5.59 17.87
N TYR A 140 -13.35 -4.82 18.94
CA TYR A 140 -14.36 -3.80 19.23
C TYR A 140 -14.25 -2.67 18.24
N LEU A 141 -13.03 -2.27 17.89
CA LEU A 141 -12.86 -1.22 16.87
C LEU A 141 -13.42 -1.68 15.52
N SER A 142 -13.30 -2.98 15.18
CA SER A 142 -13.86 -3.49 13.92
C SER A 142 -15.40 -3.37 13.97
N ILE A 143 -16.01 -3.78 15.08
CA ILE A 143 -17.46 -3.76 15.34
C ILE A 143 -18.00 -2.32 15.27
N LEU A 144 -17.34 -1.39 16.01
CA LEU A 144 -17.78 0.02 16.09
C LEU A 144 -17.60 0.82 14.81
N ARG A 145 -16.51 0.53 14.07
CA ARG A 145 -16.27 1.20 12.78
C ARG A 145 -17.35 0.81 11.80
N LEU A 146 -17.72 -0.48 11.79
CA LEU A 146 -18.75 -0.95 10.86
C LEU A 146 -20.11 -0.35 11.23
N GLY A 147 -20.45 -0.41 12.51
CA GLY A 147 -21.68 0.16 13.04
C GLY A 147 -22.94 -0.67 12.84
N LYS A 148 -22.80 -1.85 12.30
CA LYS A 148 -23.90 -2.79 12.04
C LYS A 148 -24.40 -3.42 13.34
N ASP A 149 -25.73 -3.62 13.43
CA ASP A 149 -26.42 -4.29 14.54
C ASP A 149 -26.22 -3.70 15.95
N LEU A 150 -25.86 -2.41 16.06
CA LEU A 150 -25.68 -1.78 17.37
C LEU A 150 -26.97 -1.11 17.85
N ASP A 151 -27.96 -1.08 16.94
CA ASP A 151 -29.31 -0.59 17.13
C ASP A 151 -30.06 -1.40 18.22
N ARG A 152 -29.63 -2.66 18.44
CA ARG A 152 -30.19 -3.59 19.43
C ARG A 152 -29.85 -3.19 20.88
N PHE A 153 -28.78 -2.41 21.07
CA PHE A 153 -28.32 -2.02 22.41
C PHE A 153 -28.63 -0.55 22.64
N LYS A 154 -29.12 -0.17 23.84
CA LYS A 154 -29.39 1.24 24.16
C LYS A 154 -28.07 2.00 24.40
N ASN A 155 -27.14 1.39 25.16
CA ASN A 155 -25.84 1.95 25.53
C ASN A 155 -24.66 1.09 25.12
N LEU A 156 -23.55 1.75 24.71
CA LEU A 156 -22.32 1.05 24.38
C LEU A 156 -21.20 1.60 25.24
N VAL A 157 -20.45 0.71 25.90
CA VAL A 157 -19.33 1.14 26.73
C VAL A 157 -18.11 0.45 26.26
N LEU A 158 -17.10 1.25 25.88
CA LEU A 158 -15.83 0.75 25.44
C LEU A 158 -14.77 1.12 26.45
N VAL A 159 -14.18 0.11 27.07
CA VAL A 159 -13.14 0.29 28.08
C VAL A 159 -11.81 -0.28 27.57
N HIS A 160 -10.77 0.55 27.51
CA HIS A 160 -9.42 0.10 27.12
C HIS A 160 -8.41 0.25 28.24
N ALA A 161 -7.88 -0.90 28.73
CA ALA A 161 -6.88 -0.95 29.81
C ALA A 161 -5.50 -1.26 29.26
N ALA A 162 -4.48 -0.53 29.75
CA ALA A 162 -3.10 -0.76 29.36
C ALA A 162 -2.21 -0.38 30.52
N ARG A 163 -0.91 -0.67 30.42
CA ARG A 163 0.05 -0.35 31.48
C ARG A 163 0.27 1.16 31.68
N TYR A 164 0.45 1.89 30.57
CA TYR A 164 0.71 3.33 30.61
C TYR A 164 -0.19 4.05 29.63
N ALA A 165 -0.40 5.37 29.83
CA ALA A 165 -1.20 6.20 28.94
C ALA A 165 -0.63 6.20 27.52
N ALA A 166 0.71 6.14 27.38
CA ALA A 166 1.38 6.11 26.07
C ALA A 166 1.00 4.86 25.23
N ASP A 167 0.48 3.81 25.88
CA ASP A 167 0.07 2.55 25.25
C ASP A 167 -1.37 2.56 24.70
N LEU A 168 -2.12 3.67 24.92
CA LEU A 168 -3.50 3.80 24.45
C LEU A 168 -3.49 4.24 23.00
N SER A 169 -3.04 3.34 22.11
CA SER A 169 -2.80 3.63 20.70
C SER A 169 -3.99 4.14 19.91
N TYR A 170 -5.18 3.63 20.22
CA TYR A 170 -6.40 3.99 19.51
C TYR A 170 -7.27 5.03 20.20
N LEU A 171 -6.72 5.77 21.18
CA LEU A 171 -7.47 6.85 21.83
C LEU A 171 -8.05 7.87 20.79
N PRO A 172 -7.31 8.31 19.74
CA PRO A 172 -7.92 9.22 18.75
C PRO A 172 -9.11 8.60 18.02
N LEU A 173 -9.04 7.30 17.65
CA LEU A 173 -10.17 6.63 16.99
C LEU A 173 -11.38 6.51 17.96
N MET A 174 -11.11 6.18 19.23
CA MET A 174 -12.15 6.03 20.27
C MET A 174 -12.91 7.36 20.40
N GLN A 175 -12.18 8.48 20.37
CA GLN A 175 -12.74 9.85 20.48
C GLN A 175 -13.58 10.17 19.27
N GLU A 176 -13.08 9.82 18.08
CA GLU A 176 -13.84 9.99 16.85
C GLU A 176 -15.12 9.10 16.86
N LEU A 177 -15.05 7.87 17.40
CA LEU A 177 -16.22 6.97 17.49
C LEU A 177 -17.20 7.53 18.49
N GLU A 178 -16.69 8.08 19.61
CA GLU A 178 -17.57 8.68 20.63
C GLU A 178 -18.38 9.83 20.01
N LYS A 179 -17.75 10.68 19.18
CA LYS A 179 -18.44 11.80 18.53
C LYS A 179 -19.51 11.25 17.55
N ARG A 180 -19.13 10.25 16.71
CA ARG A 180 -20.05 9.63 15.74
C ARG A 180 -21.31 9.06 16.39
N TYR A 181 -21.17 8.38 17.54
CA TYR A 181 -22.28 7.73 18.23
C TYR A 181 -23.20 8.65 19.05
N GLU A 182 -22.89 9.96 19.12
CA GLU A 182 -23.70 11.03 19.73
C GLU A 182 -24.16 10.80 21.17
N GLY A 183 -23.34 10.14 21.97
CA GLY A 183 -23.70 9.88 23.37
C GLY A 183 -24.05 8.43 23.67
N LYS A 184 -24.43 7.66 22.65
CA LYS A 184 -24.74 6.23 22.79
C LYS A 184 -23.50 5.46 23.26
N LEU A 185 -22.34 5.79 22.68
CA LEU A 185 -21.07 5.20 23.07
C LEU A 185 -20.35 6.03 24.11
N ARG A 186 -20.00 5.36 25.20
CA ARG A 186 -19.21 5.94 26.29
C ARG A 186 -17.85 5.26 26.23
N ILE A 187 -16.79 6.05 26.28
CA ILE A 187 -15.42 5.51 26.24
C ILE A 187 -14.70 5.79 27.56
N GLN A 188 -13.77 4.91 27.92
CA GLN A 188 -12.96 5.05 29.13
C GLN A 188 -11.63 4.34 28.97
N THR A 189 -10.55 5.02 29.33
CA THR A 189 -9.25 4.39 29.33
C THR A 189 -8.86 4.09 30.76
N VAL A 190 -8.14 2.98 30.95
CA VAL A 190 -7.65 2.53 32.24
C VAL A 190 -6.12 2.32 32.13
N VAL A 191 -5.37 2.84 33.10
CA VAL A 191 -3.90 2.70 33.16
C VAL A 191 -3.48 2.05 34.48
N SER A 192 -2.70 0.98 34.41
CA SER A 192 -2.34 0.25 35.62
C SER A 192 -1.05 0.68 36.30
N ARG A 193 -0.05 1.15 35.54
CA ARG A 193 1.28 1.44 36.12
C ARG A 193 1.61 2.90 36.39
N GLU A 194 0.63 3.80 36.25
CA GLU A 194 0.79 5.23 36.51
C GLU A 194 -0.57 5.89 36.70
N THR A 195 -0.55 7.18 37.03
CA THR A 195 -1.74 8.02 37.12
C THR A 195 -1.64 8.95 35.91
N ALA A 196 -2.75 9.12 35.19
CA ALA A 196 -2.80 9.96 34.00
C ALA A 196 -4.17 10.58 33.89
N ALA A 197 -4.21 11.88 33.56
CA ALA A 197 -5.43 12.66 33.39
C ALA A 197 -6.27 12.07 32.28
N GLY A 198 -7.55 11.84 32.59
CA GLY A 198 -8.50 11.26 31.64
C GLY A 198 -8.66 9.76 31.80
N SER A 199 -7.70 9.08 32.47
CA SER A 199 -7.74 7.64 32.70
C SER A 199 -7.98 7.27 34.15
N LEU A 200 -8.64 6.10 34.36
CA LEU A 200 -8.81 5.55 35.69
C LEU A 200 -7.57 4.73 35.98
N THR A 201 -7.06 4.80 37.21
CA THR A 201 -5.89 4.01 37.57
C THR A 201 -6.28 2.67 38.18
N GLY A 202 -5.68 1.60 37.65
CA GLY A 202 -5.85 0.23 38.16
C GLY A 202 -6.04 -0.83 37.09
N ARG A 203 -6.68 -1.93 37.49
CA ARG A 203 -7.01 -3.06 36.67
C ARG A 203 -8.55 -3.15 36.57
N ILE A 204 -9.06 -3.62 35.43
CA ILE A 204 -10.52 -3.74 35.17
C ILE A 204 -11.30 -4.49 36.29
N PRO A 205 -10.92 -5.73 36.72
CA PRO A 205 -11.70 -6.38 37.80
C PRO A 205 -11.82 -5.57 39.09
N ALA A 206 -10.72 -4.93 39.55
CA ALA A 206 -10.73 -4.14 40.79
C ALA A 206 -11.62 -2.90 40.63
N LEU A 207 -11.59 -2.29 39.42
CA LEU A 207 -12.39 -1.10 39.12
C LEU A 207 -13.88 -1.44 38.96
N ILE A 208 -14.19 -2.70 38.56
CA ILE A 208 -15.59 -3.16 38.50
C ILE A 208 -16.05 -3.34 39.95
N GLU A 209 -15.31 -4.16 40.74
CA GLU A 209 -15.63 -4.49 42.12
C GLU A 209 -15.79 -3.28 43.03
N SER A 210 -14.94 -2.23 42.85
CA SER A 210 -15.01 -1.04 43.70
C SER A 210 -16.17 -0.10 43.31
N GLY A 211 -16.78 -0.34 42.16
CA GLY A 211 -17.86 0.49 41.67
C GLY A 211 -17.38 1.74 40.96
N GLU A 212 -16.04 1.97 40.92
CA GLU A 212 -15.42 3.15 40.30
C GLU A 212 -15.68 3.24 38.81
N LEU A 213 -15.52 2.11 38.09
CA LEU A 213 -15.76 2.09 36.64
C LEU A 213 -17.19 2.49 36.29
N GLU A 214 -18.19 1.89 36.97
CA GLU A 214 -19.60 2.17 36.74
C GLU A 214 -19.99 3.60 37.10
N SER A 215 -19.42 4.11 38.21
CA SER A 215 -19.65 5.48 38.69
C SER A 215 -19.09 6.51 37.70
N THR A 216 -17.91 6.23 37.11
CA THR A 216 -17.29 7.12 36.12
C THR A 216 -18.11 7.10 34.83
N ILE A 217 -18.47 5.89 34.36
CA ILE A 217 -19.27 5.72 33.14
C ILE A 217 -20.71 6.27 33.30
N GLY A 218 -21.28 6.13 34.50
CA GLY A 218 -22.64 6.55 34.82
C GLY A 218 -23.68 5.51 34.47
N LEU A 219 -23.27 4.23 34.32
CA LEU A 219 -24.17 3.10 34.00
C LEU A 219 -23.79 1.87 34.84
N PRO A 220 -24.79 1.07 35.31
CA PRO A 220 -24.44 -0.12 36.12
C PRO A 220 -24.08 -1.33 35.27
N MET A 221 -23.34 -2.27 35.86
CA MET A 221 -22.95 -3.51 35.19
C MET A 221 -23.63 -4.62 35.97
N ASN A 222 -24.81 -5.04 35.52
CA ASN A 222 -25.56 -6.06 36.24
C ASN A 222 -26.28 -7.01 35.29
N LYS A 223 -26.66 -8.20 35.79
CA LYS A 223 -27.34 -9.24 35.02
C LYS A 223 -28.69 -8.81 34.41
N GLU A 224 -29.36 -7.80 35.01
CA GLU A 224 -30.68 -7.31 34.56
C GLU A 224 -30.59 -6.41 33.32
N THR A 225 -29.48 -5.68 33.16
CA THR A 225 -29.35 -4.69 32.08
C THR A 225 -28.20 -4.91 31.12
N SER A 226 -27.19 -5.70 31.52
CA SER A 226 -25.95 -5.78 30.74
C SER A 226 -25.56 -7.08 30.12
N HIS A 227 -24.73 -6.99 29.06
CA HIS A 227 -23.98 -8.07 28.44
C HIS A 227 -22.55 -7.56 28.47
N VAL A 228 -21.61 -8.40 28.88
CA VAL A 228 -20.18 -7.99 28.96
C VAL A 228 -19.33 -8.80 28.01
N MET A 229 -18.58 -8.09 27.15
CA MET A 229 -17.64 -8.75 26.28
C MET A 229 -16.24 -8.55 26.91
N LEU A 230 -15.43 -9.63 26.99
CA LEU A 230 -14.07 -9.59 27.54
C LEU A 230 -13.08 -10.00 26.47
N CYS A 231 -12.05 -9.19 26.24
CA CYS A 231 -11.06 -9.53 25.23
C CYS A 231 -9.67 -9.21 25.76
N GLY A 232 -8.76 -10.17 25.59
CA GLY A 232 -7.35 -9.94 25.87
C GLY A 232 -6.60 -10.84 26.80
N ASN A 233 -5.86 -10.18 27.73
CA ASN A 233 -5.01 -10.83 28.71
C ASN A 233 -5.75 -12.05 29.32
N PRO A 234 -5.23 -13.31 29.20
CA PRO A 234 -5.98 -14.47 29.73
C PRO A 234 -6.25 -14.37 31.23
N GLN A 235 -5.33 -13.76 32.00
CA GLN A 235 -5.57 -13.61 33.45
C GLN A 235 -6.65 -12.57 33.71
N MET A 236 -6.69 -11.47 32.92
CA MET A 236 -7.76 -10.48 33.04
C MET A 236 -9.13 -11.13 32.75
N VAL A 237 -9.22 -11.91 31.64
CA VAL A 237 -10.45 -12.57 31.20
C VAL A 237 -10.93 -13.52 32.32
N ARG A 238 -10.04 -14.38 32.82
CA ARG A 238 -10.34 -15.37 33.87
C ARG A 238 -10.76 -14.67 35.19
N ASP A 239 -10.02 -13.63 35.61
CA ASP A 239 -10.33 -12.90 36.85
C ASP A 239 -11.65 -12.12 36.78
N THR A 240 -11.95 -11.50 35.61
CA THR A 240 -13.18 -10.71 35.44
C THR A 240 -14.38 -11.63 35.39
N GLN A 241 -14.26 -12.78 34.70
CA GLN A 241 -15.32 -13.79 34.63
C GLN A 241 -15.60 -14.35 36.02
N GLN A 242 -14.55 -14.60 36.83
CA GLN A 242 -14.73 -15.12 38.19
C GLN A 242 -15.42 -14.10 39.10
N LEU A 243 -15.06 -12.82 38.99
CA LEU A 243 -15.69 -11.75 39.78
C LEU A 243 -17.16 -11.58 39.40
N LEU A 244 -17.44 -11.50 38.09
CA LEU A 244 -18.82 -11.30 37.63
C LEU A 244 -19.73 -12.46 37.96
N LYS A 245 -19.19 -13.69 37.95
CA LYS A 245 -19.94 -14.89 38.32
C LYS A 245 -20.21 -14.90 39.83
N GLU A 246 -19.16 -14.75 40.65
CA GLU A 246 -19.21 -14.78 42.11
C GLU A 246 -19.99 -13.64 42.73
N THR A 247 -19.85 -12.41 42.19
CA THR A 247 -20.46 -11.22 42.80
C THR A 247 -21.67 -10.64 42.10
N ARG A 248 -21.86 -10.93 40.79
CA ARG A 248 -23.00 -10.37 40.06
C ARG A 248 -23.91 -11.42 39.43
N GLN A 249 -23.61 -12.71 39.66
CA GLN A 249 -24.39 -13.86 39.16
C GLN A 249 -24.50 -13.84 37.63
N MET A 250 -23.44 -13.38 36.97
CA MET A 250 -23.40 -13.29 35.51
C MET A 250 -22.70 -14.54 35.01
N THR A 251 -23.35 -15.30 34.11
CA THR A 251 -22.80 -16.56 33.63
C THR A 251 -22.04 -16.46 32.32
N LYS A 252 -21.09 -17.39 32.14
CA LYS A 252 -20.28 -17.55 30.93
C LYS A 252 -21.17 -18.06 29.81
N HIS A 253 -21.14 -17.38 28.68
CA HIS A 253 -21.87 -17.79 27.49
C HIS A 253 -21.00 -18.84 26.80
N LEU A 254 -21.51 -20.08 26.71
CA LEU A 254 -20.87 -21.24 26.08
C LEU A 254 -21.75 -21.71 24.92
N ARG A 255 -21.19 -22.56 24.02
CA ARG A 255 -21.86 -23.07 22.81
C ARG A 255 -23.32 -23.50 22.99
N ARG A 256 -23.66 -24.14 24.13
CA ARG A 256 -25.01 -24.62 24.41
C ARG A 256 -25.78 -23.81 25.46
N ARG A 257 -25.03 -23.16 26.37
CA ARG A 257 -25.59 -22.38 27.46
C ARG A 257 -25.40 -20.89 27.21
N PRO A 258 -26.48 -20.13 26.88
CA PRO A 258 -26.34 -18.68 26.70
C PRO A 258 -26.06 -18.01 28.06
N GLY A 259 -25.49 -16.82 28.03
CA GLY A 259 -25.15 -16.09 29.24
C GLY A 259 -25.01 -14.59 29.09
N HIS A 260 -24.43 -13.96 30.12
CA HIS A 260 -24.19 -12.52 30.22
C HIS A 260 -22.76 -12.10 29.81
N MET A 261 -21.83 -13.06 29.65
CA MET A 261 -20.44 -12.73 29.30
C MET A 261 -19.92 -13.51 28.08
N THR A 262 -19.34 -12.78 27.13
CA THR A 262 -18.74 -13.33 25.92
C THR A 262 -17.25 -13.04 26.04
N ALA A 263 -16.41 -14.05 25.90
CA ALA A 263 -14.98 -13.86 26.10
C ALA A 263 -14.15 -14.38 24.96
N GLU A 264 -13.00 -13.72 24.74
CA GLU A 264 -11.99 -14.14 23.80
C GLU A 264 -10.63 -13.72 24.35
N HIS A 265 -9.86 -14.68 24.89
CA HIS A 265 -8.53 -14.34 25.38
C HIS A 265 -7.54 -14.40 24.21
N TYR A 266 -6.41 -13.73 24.36
CA TYR A 266 -5.34 -13.76 23.38
C TYR A 266 -4.22 -14.66 23.87
N ALA B 12 -4.64 0.61 -5.57
CA ALA B 12 -5.86 1.39 -5.33
C ALA B 12 -5.75 2.27 -4.09
N ASP B 13 -4.60 2.25 -3.40
CA ASP B 13 -4.49 3.07 -2.19
C ASP B 13 -3.85 4.41 -2.54
N TRP B 14 -4.56 5.51 -2.28
CA TRP B 14 -4.05 6.85 -2.55
C TRP B 14 -3.32 7.39 -1.34
N VAL B 15 -2.13 7.94 -1.57
CA VAL B 15 -1.35 8.59 -0.52
C VAL B 15 -1.11 10.05 -0.93
N THR B 16 -0.85 10.91 0.06
CA THR B 16 -0.55 12.30 -0.18
C THR B 16 0.94 12.44 -0.48
N GLY B 17 1.22 13.08 -1.60
CA GLY B 17 2.56 13.35 -2.06
C GLY B 17 2.84 14.83 -1.99
N LYS B 18 4.12 15.20 -1.93
CA LYS B 18 4.54 16.59 -1.85
C LYS B 18 5.51 16.86 -2.99
N VAL B 19 5.21 17.87 -3.83
CA VAL B 19 6.09 18.29 -4.93
C VAL B 19 7.32 18.98 -4.32
N THR B 20 8.53 18.49 -4.63
CA THR B 20 9.76 19.07 -4.06
C THR B 20 10.55 19.86 -5.10
N LYS B 21 10.29 19.58 -6.38
CA LYS B 21 10.99 20.21 -7.49
C LYS B 21 10.13 20.12 -8.75
N VAL B 22 10.19 21.18 -9.58
CA VAL B 22 9.52 21.27 -10.87
C VAL B 22 10.63 21.75 -11.82
N GLN B 23 10.92 20.95 -12.84
CA GLN B 23 11.94 21.28 -13.85
C GLN B 23 11.18 21.52 -15.16
N ASN B 24 11.16 22.77 -15.66
CA ASN B 24 10.48 23.10 -16.91
C ASN B 24 11.48 23.03 -18.04
N TRP B 25 11.57 21.86 -18.70
CA TRP B 25 12.49 21.62 -19.82
C TRP B 25 12.18 22.53 -20.98
N THR B 26 10.89 22.60 -21.34
CA THR B 26 10.39 23.49 -22.38
C THR B 26 9.13 24.17 -21.81
N ASP B 27 8.37 24.82 -22.69
CA ASP B 27 7.08 25.42 -22.35
C ASP B 27 6.03 24.32 -22.07
N ALA B 28 6.20 23.13 -22.67
CA ALA B 28 5.23 22.05 -22.60
C ALA B 28 5.72 20.83 -21.82
N LEU B 29 7.07 20.62 -21.77
CA LEU B 29 7.70 19.46 -21.13
C LEU B 29 8.22 19.87 -19.75
N PHE B 30 7.92 19.07 -18.73
CA PHE B 30 8.31 19.29 -17.35
C PHE B 30 8.46 17.97 -16.59
N SER B 31 9.34 17.96 -15.56
CA SER B 31 9.48 16.80 -14.68
C SER B 31 9.17 17.26 -13.26
N LEU B 32 8.42 16.45 -12.52
CA LEU B 32 8.08 16.74 -11.12
C LEU B 32 8.89 15.75 -10.28
N THR B 33 9.42 16.21 -9.15
CA THR B 33 10.06 15.37 -8.16
C THR B 33 9.08 15.38 -7.01
N VAL B 34 8.73 14.20 -6.48
CA VAL B 34 7.71 14.08 -5.46
C VAL B 34 8.18 13.24 -4.27
N HIS B 35 7.75 13.62 -3.07
CA HIS B 35 7.96 12.83 -1.88
C HIS B 35 6.59 12.24 -1.59
N ALA B 36 6.47 10.91 -1.61
CA ALA B 36 5.22 10.22 -1.28
C ALA B 36 5.53 8.86 -0.68
N PRO B 37 4.76 8.39 0.33
CA PRO B 37 5.07 7.07 0.93
C PRO B 37 4.57 5.93 0.06
N VAL B 38 5.12 5.83 -1.17
CA VAL B 38 4.73 4.78 -2.11
C VAL B 38 5.47 3.49 -1.70
N LEU B 39 5.02 2.36 -2.23
CA LEU B 39 5.63 1.08 -1.96
C LEU B 39 6.74 0.84 -2.99
N PRO B 40 7.75 -0.02 -2.67
CA PRO B 40 8.79 -0.33 -3.65
C PRO B 40 8.19 -0.80 -4.96
N PHE B 41 8.85 -0.45 -6.06
CA PHE B 41 8.36 -0.80 -7.39
C PHE B 41 9.49 -1.37 -8.25
N THR B 42 9.10 -2.00 -9.35
CA THR B 42 10.03 -2.57 -10.33
C THR B 42 10.28 -1.50 -11.37
N ALA B 43 11.55 -1.26 -11.73
CA ALA B 43 11.93 -0.25 -12.74
C ALA B 43 11.21 -0.59 -14.06
N GLY B 44 10.56 0.42 -14.65
CA GLY B 44 9.74 0.30 -15.85
C GLY B 44 8.25 0.44 -15.56
N GLN B 45 7.87 0.33 -14.27
CA GLN B 45 6.46 0.43 -13.85
C GLN B 45 5.97 1.86 -13.74
N PHE B 46 4.63 2.02 -13.62
CA PHE B 46 4.01 3.33 -13.51
C PHE B 46 3.14 3.37 -12.26
N THR B 47 2.70 4.57 -11.89
CA THR B 47 1.70 4.72 -10.86
C THR B 47 0.66 5.70 -11.40
N LYS B 48 -0.21 6.21 -10.53
CA LYS B 48 -1.17 7.22 -10.92
C LYS B 48 -0.99 8.46 -10.10
N LEU B 49 -1.13 9.61 -10.75
CA LEU B 49 -1.15 10.90 -10.09
C LEU B 49 -2.57 11.41 -10.14
N GLY B 50 -2.98 12.07 -9.06
CA GLY B 50 -4.32 12.61 -8.95
C GLY B 50 -4.40 13.99 -8.32
N LEU B 51 -5.36 14.78 -8.81
CA LEU B 51 -5.67 16.09 -8.28
C LEU B 51 -7.17 16.26 -8.27
N GLU B 52 -7.66 17.01 -7.29
CA GLU B 52 -9.08 17.31 -7.20
C GLU B 52 -9.35 18.45 -8.18
N ILE B 53 -10.26 18.21 -9.13
CA ILE B 53 -10.66 19.18 -10.16
C ILE B 53 -12.17 19.21 -10.11
N ASP B 54 -12.72 20.39 -9.80
CA ASP B 54 -14.17 20.63 -9.66
C ASP B 54 -14.82 19.63 -8.68
N GLY B 55 -14.18 19.45 -7.53
CA GLY B 55 -14.64 18.57 -6.46
C GLY B 55 -14.46 17.07 -6.65
N GLU B 56 -13.91 16.64 -7.81
CA GLU B 56 -13.71 15.22 -8.12
C GLU B 56 -12.24 14.91 -8.37
N ARG B 57 -11.76 13.76 -7.88
CA ARG B 57 -10.39 13.36 -8.13
C ARG B 57 -10.28 12.90 -9.61
N VAL B 58 -9.32 13.49 -10.33
CA VAL B 58 -9.01 13.17 -11.72
C VAL B 58 -7.66 12.47 -11.65
N GLN B 59 -7.56 11.27 -12.21
CA GLN B 59 -6.35 10.47 -12.14
C GLN B 59 -5.88 10.01 -13.49
N ARG B 60 -4.56 9.96 -13.69
CA ARG B 60 -3.96 9.47 -14.94
C ARG B 60 -2.69 8.69 -14.57
N ALA B 61 -2.21 7.82 -15.48
CA ALA B 61 -1.01 7.02 -15.24
C ALA B 61 0.24 7.81 -15.65
N TYR B 62 1.31 7.72 -14.83
CA TYR B 62 2.62 8.32 -15.10
C TYR B 62 3.71 7.35 -14.69
N SER B 63 4.69 7.13 -15.55
CA SER B 63 5.81 6.24 -15.29
C SER B 63 6.81 6.88 -14.34
N TYR B 64 7.42 6.03 -13.52
CA TYR B 64 8.52 6.48 -12.66
C TYR B 64 9.75 6.58 -13.53
N VAL B 65 10.47 7.68 -13.37
CA VAL B 65 11.70 7.98 -14.15
C VAL B 65 12.89 7.77 -13.23
N ASN B 66 12.65 7.80 -11.92
CA ASN B 66 13.69 7.59 -10.92
C ASN B 66 13.97 6.09 -10.79
N SER B 67 15.20 5.75 -10.40
CA SER B 67 15.57 4.38 -10.06
C SER B 67 14.69 3.99 -8.85
N PRO B 68 14.21 2.73 -8.74
CA PRO B 68 13.40 2.35 -7.57
C PRO B 68 14.13 2.51 -6.23
N ASP B 69 15.47 2.55 -6.24
CA ASP B 69 16.30 2.70 -5.04
C ASP B 69 16.39 4.14 -4.55
N ASN B 70 15.92 5.09 -5.36
CA ASN B 70 15.92 6.50 -5.03
C ASN B 70 14.51 6.89 -4.55
N PRO B 71 14.38 7.38 -3.29
CA PRO B 71 13.04 7.76 -2.79
C PRO B 71 12.47 9.06 -3.40
N ASP B 72 13.29 9.82 -4.16
CA ASP B 72 12.82 11.04 -4.84
C ASP B 72 12.13 10.57 -6.13
N LEU B 73 10.80 10.50 -6.12
CA LEU B 73 9.99 10.05 -7.26
C LEU B 73 10.04 11.08 -8.33
N GLU B 74 10.32 10.66 -9.57
CA GLU B 74 10.43 11.59 -10.68
C GLU B 74 9.43 11.23 -11.77
N PHE B 75 8.75 12.23 -12.31
CA PHE B 75 7.77 11.99 -13.37
C PHE B 75 8.05 12.94 -14.49
N TYR B 76 8.08 12.44 -15.73
CA TYR B 76 8.37 13.23 -16.91
C TYR B 76 7.08 13.35 -17.72
N LEU B 77 6.57 14.58 -17.81
CA LEU B 77 5.26 14.86 -18.40
C LEU B 77 5.26 15.90 -19.47
N VAL B 78 4.16 15.92 -20.23
CA VAL B 78 3.87 16.91 -21.26
C VAL B 78 2.45 17.42 -21.06
N THR B 79 2.25 18.76 -21.26
CA THR B 79 0.92 19.31 -21.19
C THR B 79 0.27 18.91 -22.48
N VAL B 80 -0.80 18.13 -22.38
CA VAL B 80 -1.51 17.63 -23.56
C VAL B 80 -2.42 18.69 -24.18
N VAL B 81 -2.37 18.78 -25.52
CA VAL B 81 -3.20 19.67 -26.33
C VAL B 81 -3.77 18.82 -27.46
N TYR B 82 -5.07 18.92 -27.70
CA TYR B 82 -5.71 18.18 -28.78
C TYR B 82 -6.89 18.95 -29.33
N THR B 83 -7.39 18.49 -30.50
CA THR B 83 -8.56 19.05 -31.14
C THR B 83 -9.68 18.06 -30.79
N ASN B 84 -10.68 18.52 -30.01
CA ASN B 84 -11.80 17.67 -29.61
C ASN B 84 -12.77 17.41 -30.78
N ASP B 85 -13.86 16.65 -30.53
CA ASP B 85 -14.84 16.31 -31.58
C ASP B 85 -15.57 17.52 -32.18
N ALA B 86 -15.67 18.61 -31.41
CA ALA B 86 -16.32 19.85 -31.84
C ALA B 86 -15.43 20.78 -32.70
N GLY B 87 -14.16 20.42 -32.87
CA GLY B 87 -13.18 21.20 -33.62
C GLY B 87 -12.48 22.24 -32.77
N GLU B 88 -12.66 22.17 -31.43
CA GLU B 88 -12.05 23.09 -30.47
C GLU B 88 -10.67 22.59 -30.09
N VAL B 89 -9.70 23.51 -30.02
CA VAL B 89 -8.33 23.15 -29.62
C VAL B 89 -8.33 23.35 -28.12
N VAL B 90 -8.10 22.25 -27.37
CA VAL B 90 -8.19 22.29 -25.90
C VAL B 90 -7.03 21.61 -25.21
N LYS B 91 -6.81 21.95 -23.95
CA LYS B 91 -5.83 21.26 -23.12
C LYS B 91 -6.49 20.02 -22.51
N GLY B 92 -5.67 19.02 -22.19
CA GLY B 92 -6.11 17.84 -21.47
C GLY B 92 -6.58 18.25 -20.08
N LYS B 93 -7.30 17.37 -19.38
CA LYS B 93 -7.86 17.65 -18.06
C LYS B 93 -6.79 17.72 -16.97
N LEU B 94 -5.98 16.64 -16.79
CA LEU B 94 -5.04 16.63 -15.67
C LEU B 94 -3.68 17.23 -15.93
N SER B 95 -3.06 16.99 -17.13
CA SER B 95 -1.69 17.48 -17.35
C SER B 95 -1.39 18.95 -17.10
N PRO B 96 -2.24 19.92 -17.53
CA PRO B 96 -1.93 21.33 -17.25
C PRO B 96 -2.03 21.66 -15.76
N ARG B 97 -2.86 20.92 -15.01
CA ARG B 97 -3.01 21.13 -13.56
C ARG B 97 -1.77 20.59 -12.86
N LEU B 98 -1.19 19.48 -13.38
CA LEU B 98 0.07 18.97 -12.86
C LEU B 98 1.20 19.97 -13.17
N ALA B 99 1.16 20.59 -14.37
CA ALA B 99 2.17 21.60 -14.81
C ALA B 99 2.15 22.88 -13.96
N ALA B 100 1.02 23.17 -13.31
CA ALA B 100 0.82 24.36 -12.47
C ALA B 100 1.24 24.12 -11.02
N LEU B 101 1.63 22.89 -10.67
CA LEU B 101 2.08 22.60 -9.31
C LEU B 101 3.43 23.26 -9.06
N LYS B 102 3.64 23.67 -7.82
CA LYS B 102 4.85 24.33 -7.40
C LYS B 102 5.44 23.55 -6.21
N PRO B 103 6.76 23.65 -5.90
CA PRO B 103 7.28 22.95 -4.71
C PRO B 103 6.46 23.29 -3.47
N GLY B 104 6.13 22.27 -2.70
CA GLY B 104 5.30 22.44 -1.51
C GLY B 104 3.87 22.03 -1.76
N ASP B 105 3.43 22.03 -3.04
CA ASP B 105 2.04 21.66 -3.39
C ASP B 105 1.82 20.17 -3.20
N GLU B 106 0.59 19.79 -2.84
CA GLU B 106 0.21 18.39 -2.68
C GLU B 106 -0.25 17.78 -3.98
N VAL B 107 0.04 16.50 -4.18
CA VAL B 107 -0.37 15.69 -5.33
C VAL B 107 -0.74 14.32 -4.77
N GLN B 108 -1.81 13.71 -5.29
CA GLN B 108 -2.22 12.38 -4.82
C GLN B 108 -1.48 11.33 -5.66
N VAL B 109 -0.95 10.31 -5.01
CA VAL B 109 -0.16 9.25 -5.67
C VAL B 109 -0.70 7.88 -5.25
N VAL B 110 -0.83 6.94 -6.18
CA VAL B 110 -1.25 5.56 -5.86
C VAL B 110 0.02 4.87 -5.30
N SER B 111 -0.09 4.28 -4.08
CA SER B 111 1.02 3.66 -3.37
C SER B 111 1.62 2.46 -4.06
N GLU B 112 0.80 1.69 -4.78
CA GLU B 112 1.28 0.47 -5.45
C GLU B 112 1.39 0.67 -6.94
N ALA B 113 2.57 0.40 -7.47
CA ALA B 113 2.83 0.51 -8.90
C ALA B 113 2.16 -0.62 -9.69
N ALA B 114 1.98 -0.39 -11.00
CA ALA B 114 1.38 -1.36 -11.89
C ALA B 114 2.21 -1.40 -13.16
N GLY B 115 1.97 -2.41 -14.00
CA GLY B 115 2.68 -2.52 -15.28
C GLY B 115 3.61 -3.72 -15.40
N PHE B 116 3.83 -4.13 -16.64
CA PHE B 116 4.63 -5.29 -17.03
C PHE B 116 5.74 -4.90 -17.99
N PHE B 117 5.99 -3.59 -18.14
CA PHE B 117 7.03 -3.09 -19.03
C PHE B 117 8.34 -3.12 -18.24
N VAL B 118 8.78 -4.35 -17.88
CA VAL B 118 9.91 -4.56 -16.99
C VAL B 118 10.90 -5.59 -17.55
N LEU B 119 12.15 -5.59 -17.05
CA LEU B 119 13.15 -6.54 -17.51
C LEU B 119 12.80 -8.00 -17.28
N ASP B 120 12.13 -8.34 -16.16
CA ASP B 120 11.71 -9.71 -15.87
C ASP B 120 10.80 -10.32 -16.96
N GLU B 121 10.19 -9.46 -17.79
CA GLU B 121 9.30 -9.85 -18.90
C GLU B 121 10.08 -9.97 -20.21
N VAL B 122 11.37 -9.60 -20.17
CA VAL B 122 12.24 -9.63 -21.34
C VAL B 122 13.06 -10.92 -21.36
N PRO B 123 12.99 -11.70 -22.46
CA PRO B 123 13.79 -12.93 -22.52
C PRO B 123 15.25 -12.64 -22.86
N HIS B 124 16.12 -13.66 -22.71
CA HIS B 124 17.55 -13.53 -23.05
C HIS B 124 17.70 -13.16 -24.55
N CYS B 125 18.61 -12.22 -24.87
CA CYS B 125 18.91 -11.76 -26.22
C CYS B 125 20.29 -11.14 -26.24
N GLU B 126 20.87 -10.92 -27.44
CA GLU B 126 22.17 -10.27 -27.55
C GLU B 126 21.99 -8.75 -27.40
N THR B 127 21.02 -8.19 -28.13
CA THR B 127 20.76 -6.75 -28.11
C THR B 127 19.36 -6.44 -27.62
N LEU B 128 19.26 -5.64 -26.53
CA LEU B 128 17.97 -5.19 -26.05
C LEU B 128 17.82 -3.76 -26.60
N TRP B 129 16.84 -3.56 -27.51
CA TRP B 129 16.55 -2.24 -28.11
C TRP B 129 15.49 -1.54 -27.27
N MET B 130 15.72 -0.27 -26.88
CA MET B 130 14.75 0.46 -26.08
C MET B 130 14.34 1.70 -26.87
N LEU B 131 13.15 1.60 -27.50
CA LEU B 131 12.64 2.66 -28.34
C LEU B 131 11.58 3.46 -27.63
N ALA B 132 11.71 4.78 -27.65
CA ALA B 132 10.75 5.67 -26.99
C ALA B 132 10.46 6.94 -27.82
N THR B 133 9.25 7.44 -27.68
CA THR B 133 8.87 8.77 -28.22
C THR B 133 8.52 9.63 -27.04
N GLY B 134 8.76 10.94 -27.16
CA GLY B 134 8.41 11.94 -26.17
C GLY B 134 8.70 11.60 -24.72
N THR B 135 7.67 11.72 -23.88
CA THR B 135 7.78 11.45 -22.44
C THR B 135 8.01 10.01 -22.07
N ALA B 136 7.80 9.08 -23.02
CA ALA B 136 7.98 7.65 -22.79
C ALA B 136 9.41 7.16 -22.69
N ILE B 137 10.38 8.07 -22.66
CA ILE B 137 11.76 7.62 -22.40
C ILE B 137 11.89 7.20 -20.90
N GLY B 138 10.99 7.71 -20.07
CA GLY B 138 10.96 7.52 -18.61
C GLY B 138 11.26 6.12 -18.10
N PRO B 139 10.46 5.08 -18.50
CA PRO B 139 10.69 3.71 -17.99
C PRO B 139 12.10 3.16 -18.18
N TYR B 140 12.71 3.44 -19.33
CA TYR B 140 14.07 3.03 -19.66
C TYR B 140 15.06 3.76 -18.78
N LEU B 141 14.80 5.02 -18.45
CA LEU B 141 15.70 5.78 -17.56
C LEU B 141 15.72 5.16 -16.20
N SER B 142 14.55 4.72 -15.70
CA SER B 142 14.40 4.05 -14.40
C SER B 142 15.21 2.74 -14.42
N ILE B 143 15.05 1.93 -15.47
CA ILE B 143 15.74 0.65 -15.67
C ILE B 143 17.26 0.85 -15.69
N LEU B 144 17.74 1.80 -16.52
CA LEU B 144 19.17 2.07 -16.71
C LEU B 144 19.86 2.69 -15.49
N ARG B 145 19.13 3.56 -14.78
CA ARG B 145 19.68 4.18 -13.56
C ARG B 145 19.89 3.12 -12.52
N LEU B 146 18.93 2.19 -12.39
CA LEU B 146 19.06 1.14 -11.38
C LEU B 146 20.20 0.18 -11.73
N GLY B 147 20.24 -0.23 -13.01
CA GLY B 147 21.31 -1.08 -13.54
C GLY B 147 21.20 -2.54 -13.22
N LYS B 148 20.10 -2.95 -12.58
CA LYS B 148 19.81 -4.34 -12.22
C LYS B 148 19.44 -5.16 -13.46
N ASP B 149 19.90 -6.43 -13.50
CA ASP B 149 19.58 -7.41 -14.54
C ASP B 149 19.94 -7.07 -15.98
N LEU B 150 20.88 -6.12 -16.19
CA LEU B 150 21.30 -5.74 -17.55
C LEU B 150 22.45 -6.61 -18.02
N ASP B 151 23.00 -7.39 -17.07
CA ASP B 151 24.07 -8.38 -17.25
C ASP B 151 23.63 -9.50 -18.23
N ARG B 152 22.30 -9.72 -18.38
CA ARG B 152 21.68 -10.74 -19.24
C ARG B 152 21.74 -10.38 -20.74
N PHE B 153 22.05 -9.11 -21.06
CA PHE B 153 22.09 -8.63 -22.45
C PHE B 153 23.51 -8.21 -22.78
N LYS B 154 24.02 -8.55 -23.99
CA LYS B 154 25.38 -8.15 -24.41
C LYS B 154 25.40 -6.63 -24.77
N ASN B 155 24.38 -6.18 -25.53
CA ASN B 155 24.25 -4.79 -25.99
C ASN B 155 22.96 -4.14 -25.58
N LEU B 156 23.01 -2.82 -25.28
CA LEU B 156 21.83 -2.05 -24.97
C LEU B 156 21.72 -0.88 -25.92
N VAL B 157 20.54 -0.65 -26.46
CA VAL B 157 20.35 0.49 -27.34
C VAL B 157 19.19 1.27 -26.85
N LEU B 158 19.44 2.56 -26.60
CA LEU B 158 18.41 3.48 -26.17
C LEU B 158 18.19 4.51 -27.26
N VAL B 159 16.99 4.52 -27.83
CA VAL B 159 16.60 5.43 -28.89
C VAL B 159 15.50 6.38 -28.40
N HIS B 160 15.74 7.68 -28.44
CA HIS B 160 14.72 8.68 -28.04
C HIS B 160 14.31 9.57 -29.21
N ALA B 161 13.04 9.47 -29.63
CA ALA B 161 12.46 10.26 -30.71
C ALA B 161 11.56 11.36 -30.20
N ALA B 162 11.70 12.55 -30.77
CA ALA B 162 10.85 13.68 -30.40
C ALA B 162 10.71 14.56 -31.62
N ARG B 163 9.83 15.58 -31.55
CA ARG B 163 9.58 16.49 -32.68
C ARG B 163 10.78 17.37 -33.00
N TYR B 164 11.42 17.96 -31.96
CA TYR B 164 12.56 18.87 -32.12
C TYR B 164 13.67 18.48 -31.17
N ALA B 165 14.91 18.91 -31.48
CA ALA B 165 16.08 18.64 -30.63
C ALA B 165 15.88 19.25 -29.23
N ALA B 166 15.21 20.42 -29.14
CA ALA B 166 14.94 21.08 -27.86
C ALA B 166 14.09 20.22 -26.90
N ASP B 167 13.36 19.22 -27.43
CA ASP B 167 12.48 18.29 -26.68
C ASP B 167 13.21 17.08 -26.10
N LEU B 168 14.53 16.94 -26.37
CA LEU B 168 15.32 15.80 -25.88
C LEU B 168 15.79 16.10 -24.47
N SER B 169 14.83 16.14 -23.52
CA SER B 169 15.04 16.60 -22.14
C SER B 169 16.10 15.87 -21.35
N TYR B 170 16.20 14.57 -21.58
CA TYR B 170 17.12 13.71 -20.85
C TYR B 170 18.41 13.37 -21.58
N LEU B 171 18.75 14.12 -22.65
CA LEU B 171 20.01 13.92 -23.36
C LEU B 171 21.24 13.97 -22.38
N PRO B 172 21.34 14.90 -21.40
CA PRO B 172 22.48 14.86 -20.46
C PRO B 172 22.52 13.58 -19.64
N LEU B 173 21.36 13.06 -19.16
CA LEU B 173 21.34 11.78 -18.41
C LEU B 173 21.77 10.61 -19.32
N MET B 174 21.26 10.59 -20.57
CA MET B 174 21.60 9.54 -21.55
C MET B 174 23.11 9.48 -21.75
N GLN B 175 23.75 10.65 -21.84
CA GLN B 175 25.21 10.78 -22.03
C GLN B 175 25.96 10.29 -20.81
N GLU B 176 25.46 10.63 -19.62
CA GLU B 176 26.04 10.15 -18.38
C GLU B 176 25.88 8.61 -18.26
N LEU B 177 24.72 8.06 -18.71
CA LEU B 177 24.49 6.60 -18.69
C LEU B 177 25.40 5.93 -19.69
N GLU B 178 25.60 6.55 -20.87
CA GLU B 178 26.49 5.99 -21.88
C GLU B 178 27.92 5.86 -21.31
N LYS B 179 28.39 6.88 -20.57
CA LYS B 179 29.74 6.83 -19.96
C LYS B 179 29.79 5.69 -18.91
N ARG B 180 28.78 5.62 -18.03
CA ARG B 180 28.71 4.60 -16.97
C ARG B 180 28.78 3.17 -17.53
N TYR B 181 28.06 2.90 -18.63
CA TYR B 181 27.96 1.57 -19.25
C TYR B 181 29.17 1.13 -20.09
N GLU B 182 30.17 2.01 -20.24
CA GLU B 182 31.47 1.76 -20.90
C GLU B 182 31.42 1.17 -22.32
N GLY B 183 30.40 1.53 -23.10
CA GLY B 183 30.28 1.05 -24.47
C GLY B 183 29.16 0.05 -24.67
N LYS B 184 28.70 -0.61 -23.59
CA LYS B 184 27.60 -1.58 -23.63
C LYS B 184 26.32 -0.90 -24.08
N LEU B 185 26.05 0.31 -23.56
CA LEU B 185 24.89 1.12 -23.93
C LEU B 185 25.24 2.06 -25.06
N ARG B 186 24.43 1.99 -26.11
CA ARG B 186 24.52 2.88 -27.27
C ARG B 186 23.30 3.77 -27.22
N ILE B 187 23.49 5.07 -27.39
CA ILE B 187 22.37 6.03 -27.36
C ILE B 187 22.21 6.70 -28.73
N GLN B 188 20.97 7.06 -29.06
CA GLN B 188 20.65 7.75 -30.30
C GLN B 188 19.40 8.61 -30.13
N THR B 189 19.46 9.85 -30.60
CA THR B 189 18.29 10.70 -30.60
C THR B 189 17.76 10.80 -32.01
N VAL B 190 16.45 10.93 -32.13
CA VAL B 190 15.75 11.03 -33.40
C VAL B 190 14.85 12.29 -33.33
N VAL B 191 14.88 13.12 -34.38
CA VAL B 191 14.05 14.34 -34.48
C VAL B 191 13.18 14.30 -35.75
N SER B 192 11.88 14.49 -35.62
CA SER B 192 11.00 14.38 -36.77
C SER B 192 10.72 15.66 -37.52
N ARG B 193 10.70 16.83 -36.83
CA ARG B 193 10.31 18.09 -37.47
C ARG B 193 11.41 19.05 -37.89
N GLU B 194 12.67 18.62 -37.79
CA GLU B 194 13.84 19.42 -38.17
C GLU B 194 15.05 18.52 -38.37
N THR B 195 16.15 19.13 -38.81
CA THR B 195 17.45 18.48 -38.93
C THR B 195 18.29 19.09 -37.80
N ALA B 196 19.00 18.25 -37.04
CA ALA B 196 19.83 18.70 -35.93
C ALA B 196 21.03 17.80 -35.83
N ALA B 197 22.22 18.41 -35.62
CA ALA B 197 23.50 17.71 -35.47
C ALA B 197 23.43 16.78 -34.27
N GLY B 198 23.82 15.53 -34.47
CA GLY B 198 23.81 14.50 -33.43
C GLY B 198 22.57 13.62 -33.47
N SER B 199 21.49 14.09 -34.13
CA SER B 199 20.24 13.34 -34.26
C SER B 199 19.96 12.86 -35.66
N LEU B 200 19.26 11.71 -35.77
CA LEU B 200 18.79 11.23 -37.08
C LEU B 200 17.45 11.92 -37.33
N THR B 201 17.15 12.25 -38.58
CA THR B 201 15.88 12.87 -38.90
C THR B 201 14.84 11.85 -39.37
N GLY B 202 13.65 11.91 -38.79
CA GLY B 202 12.51 11.10 -39.17
C GLY B 202 11.72 10.50 -38.02
N ARG B 203 11.04 9.39 -38.32
CA ARG B 203 10.26 8.60 -37.36
C ARG B 203 10.95 7.24 -37.24
N ILE B 204 10.86 6.63 -36.05
CA ILE B 204 11.46 5.31 -35.73
C ILE B 204 11.09 4.20 -36.74
N PRO B 205 9.80 3.92 -37.08
CA PRO B 205 9.54 2.84 -38.05
C PRO B 205 10.24 3.02 -39.42
N ALA B 206 10.23 4.23 -39.97
CA ALA B 206 10.85 4.54 -41.26
C ALA B 206 12.38 4.36 -41.18
N LEU B 207 12.98 4.75 -40.04
CA LEU B 207 14.41 4.64 -39.82
C LEU B 207 14.84 3.19 -39.58
N ILE B 208 13.92 2.34 -39.07
CA ILE B 208 14.19 0.90 -38.93
C ILE B 208 14.16 0.30 -40.35
N GLU B 209 13.04 0.51 -41.09
CA GLU B 209 12.82 -0.01 -42.43
C GLU B 209 13.91 0.38 -43.44
N SER B 210 14.42 1.63 -43.38
CA SER B 210 15.47 2.08 -44.30
C SER B 210 16.86 1.51 -43.96
N GLY B 211 17.01 0.95 -42.76
CA GLY B 211 18.29 0.43 -42.30
C GLY B 211 19.19 1.49 -41.71
N GLU B 212 18.76 2.79 -41.75
CA GLU B 212 19.54 3.93 -41.23
C GLU B 212 19.81 3.85 -39.74
N LEU B 213 18.80 3.50 -38.94
CA LEU B 213 18.95 3.38 -37.49
C LEU B 213 20.01 2.32 -37.13
N GLU B 214 19.92 1.12 -37.70
CA GLU B 214 20.86 0.03 -37.43
C GLU B 214 22.27 0.34 -37.90
N SER B 215 22.40 1.01 -39.05
CA SER B 215 23.69 1.42 -39.65
C SER B 215 24.37 2.45 -38.75
N THR B 216 23.59 3.41 -38.20
CA THR B 216 24.12 4.43 -37.31
C THR B 216 24.56 3.80 -35.98
N ILE B 217 23.69 2.95 -35.40
CA ILE B 217 24.00 2.26 -34.14
C ILE B 217 25.16 1.24 -34.29
N GLY B 218 25.25 0.60 -35.45
CA GLY B 218 26.26 -0.41 -35.73
C GLY B 218 25.86 -1.80 -35.26
N LEU B 219 24.55 -2.03 -35.02
CA LEU B 219 24.01 -3.33 -34.59
C LEU B 219 22.70 -3.65 -35.35
N PRO B 220 22.46 -4.93 -35.72
CA PRO B 220 21.22 -5.24 -36.44
C PRO B 220 20.02 -5.43 -35.52
N MET B 221 18.82 -5.27 -36.07
CA MET B 221 17.58 -5.48 -35.33
C MET B 221 16.89 -6.66 -35.98
N ASN B 222 17.12 -7.85 -35.45
CA ASN B 222 16.55 -9.06 -36.05
C ASN B 222 16.14 -10.06 -34.99
N LYS B 223 15.24 -10.99 -35.36
CA LYS B 223 14.69 -12.01 -34.47
C LYS B 223 15.74 -12.96 -33.85
N GLU B 224 16.90 -13.12 -34.51
CA GLU B 224 17.97 -14.01 -34.04
C GLU B 224 18.79 -13.41 -32.88
N THR B 225 18.92 -12.08 -32.82
CA THR B 225 19.78 -11.42 -31.84
C THR B 225 19.08 -10.43 -30.92
N SER B 226 17.89 -9.95 -31.29
CA SER B 226 17.26 -8.85 -30.57
C SER B 226 15.96 -9.10 -29.86
N HIS B 227 15.70 -8.22 -28.85
CA HIS B 227 14.43 -8.04 -28.18
C HIS B 227 14.16 -6.55 -28.30
N VAL B 228 12.95 -6.21 -28.70
CA VAL B 228 12.62 -4.78 -28.90
C VAL B 228 11.57 -4.31 -27.90
N MET B 229 11.90 -3.28 -27.08
CA MET B 229 10.90 -2.69 -26.23
C MET B 229 10.39 -1.39 -26.92
N LEU B 230 9.07 -1.16 -26.90
CA LEU B 230 8.44 0.02 -27.49
C LEU B 230 7.66 0.75 -26.43
N CYS B 231 7.84 2.08 -26.33
CA CYS B 231 7.14 2.86 -25.31
C CYS B 231 6.75 4.20 -25.92
N GLY B 232 5.49 4.58 -25.78
CA GLY B 232 5.11 5.91 -26.24
C GLY B 232 3.83 6.10 -26.98
N ASN B 233 3.93 6.96 -27.99
CA ASN B 233 2.84 7.34 -28.85
C ASN B 233 2.12 6.05 -29.34
N PRO B 234 0.78 5.91 -29.13
CA PRO B 234 0.11 4.66 -29.54
C PRO B 234 0.25 4.35 -31.03
N GLN B 235 0.28 5.39 -31.89
CA GLN B 235 0.46 5.16 -33.33
C GLN B 235 1.88 4.68 -33.62
N MET B 236 2.91 5.24 -32.92
CA MET B 236 4.28 4.75 -33.08
C MET B 236 4.39 3.28 -32.68
N VAL B 237 3.83 2.92 -31.50
CA VAL B 237 3.87 1.55 -30.96
C VAL B 237 3.21 0.58 -31.96
N ARG B 238 1.97 0.88 -32.38
N ARG B 238 1.97 0.89 -32.38
CA ARG B 238 1.23 0.05 -33.34
CA ARG B 238 1.19 0.09 -33.34
C ARG B 238 1.98 -0.09 -34.67
C ARG B 238 1.94 -0.07 -34.68
N ASP B 239 2.45 1.05 -35.25
CA ASP B 239 3.18 1.04 -36.54
C ASP B 239 4.50 0.25 -36.50
N THR B 240 5.24 0.33 -35.39
CA THR B 240 6.51 -0.35 -35.28
C THR B 240 6.29 -1.84 -35.06
N GLN B 241 5.26 -2.20 -34.27
CA GLN B 241 4.88 -3.61 -34.07
C GLN B 241 4.47 -4.23 -35.40
N GLN B 242 3.69 -3.49 -36.21
CA GLN B 242 3.26 -3.97 -37.54
C GLN B 242 4.46 -4.13 -38.48
N LEU B 243 5.42 -3.16 -38.44
CA LEU B 243 6.62 -3.20 -39.28
C LEU B 243 7.51 -4.41 -38.92
N LEU B 244 7.82 -4.58 -37.63
CA LEU B 244 8.68 -5.67 -37.15
C LEU B 244 8.08 -7.05 -37.36
N LYS B 245 6.74 -7.14 -37.31
CA LYS B 245 6.03 -8.40 -37.57
C LYS B 245 6.08 -8.73 -39.07
N GLU B 246 5.67 -7.78 -39.92
CA GLU B 246 5.60 -7.98 -41.36
C GLU B 246 6.96 -8.09 -42.04
N THR B 247 7.95 -7.30 -41.58
CA THR B 247 9.24 -7.24 -42.25
C THR B 247 10.38 -7.98 -41.60
N ARG B 248 10.30 -8.28 -40.28
CA ARG B 248 11.38 -8.96 -39.58
C ARG B 248 10.94 -10.24 -38.87
N GLN B 249 9.66 -10.64 -39.06
CA GLN B 249 9.07 -11.86 -38.52
C GLN B 249 9.15 -11.92 -37.00
N MET B 250 8.98 -10.75 -36.36
CA MET B 250 9.00 -10.60 -34.92
C MET B 250 7.58 -10.62 -34.39
N THR B 251 7.33 -11.41 -33.35
CA THR B 251 6.01 -11.62 -32.74
C THR B 251 5.80 -10.76 -31.51
N LYS B 252 4.54 -10.37 -31.24
CA LYS B 252 4.18 -9.58 -30.06
C LYS B 252 4.20 -10.49 -28.83
N HIS B 253 4.76 -10.02 -27.71
CA HIS B 253 4.79 -10.77 -26.45
C HIS B 253 3.56 -10.38 -25.63
N GLY B 259 7.50 -13.38 -26.93
CA GLY B 259 7.89 -12.95 -28.27
C GLY B 259 9.14 -12.10 -28.29
N HIS B 260 9.36 -11.38 -29.41
CA HIS B 260 10.54 -10.53 -29.61
C HIS B 260 10.26 -9.05 -29.32
N MET B 261 8.99 -8.66 -29.06
CA MET B 261 8.60 -7.26 -28.81
C MET B 261 7.74 -7.06 -27.55
N THR B 262 8.16 -6.13 -26.68
CA THR B 262 7.44 -5.78 -25.46
C THR B 262 6.99 -4.30 -25.61
N ALA B 263 5.69 -4.04 -25.47
CA ALA B 263 5.13 -2.71 -25.68
C ALA B 263 4.36 -2.15 -24.52
N GLU B 264 4.38 -0.81 -24.40
CA GLU B 264 3.57 -0.05 -23.46
C GLU B 264 3.28 1.30 -24.04
N HIS B 265 2.06 1.49 -24.54
CA HIS B 265 1.71 2.80 -25.10
C HIS B 265 1.25 3.71 -23.97
N TYR B 266 1.25 5.02 -24.23
CA TYR B 266 0.77 6.03 -23.30
C TYR B 266 -0.57 6.56 -23.79
#